data_4MLZ
#
_entry.id   4MLZ
#
_cell.length_a   59.678
_cell.length_b   72.741
_cell.length_c   71.306
_cell.angle_alpha   90.000
_cell.angle_beta   101.320
_cell.angle_gamma   90.000
#
_symmetry.space_group_name_H-M   'P 1 21 1'
#
loop_
_entity.id
_entity.type
_entity.pdbx_description
1 polymer 'Periplasmic binding protein'
2 non-polymer 'CALCIUM ION'
3 non-polymer 'POTASSIUM ION'
4 water water
#
_entity_poly.entity_id   1
_entity_poly.type   'polypeptide(L)'
_entity_poly.pdbx_seq_one_letter_code
;SNAVLVASCSAPSQPSPDSPTTNASSSQTREATTYPLTVDNCGTTATFDSVPERVVTLKSSTTELLLALGRGDRIVATSY
LDGPVAPWLEDEAAQVPAVSAPLDERLPSLEKVLETEPDLIFAGWES(MSE)VTTEGLADRDRLTQLGVNTLVAPSACKE
DGYRPDPLTWESLAQEITTVGTIFDAHSEAQSLVDT(MSE)NEQLAAISPDSRGLSALWFSSGSDTPFVGGGSGSAQLV
(MSE)DTVGLRNIGSDIDDTWGP(MSE)SWEAIIDANPDVIVLVDSSWSSAQKKKDILTSHPVASTLDAVVNDRYLVIDF
PPTEPGVRTADGAVALADQLAALTVED
;
_entity_poly.pdbx_strand_id   A,B
#
loop_
_chem_comp.id
_chem_comp.type
_chem_comp.name
_chem_comp.formula
CA non-polymer 'CALCIUM ION' 'Ca 2'
K non-polymer 'POTASSIUM ION' 'K 1'
#
# COMPACT_ATOMS: atom_id res chain seq x y z
N ARG A 30 11.87 -32.63 22.55
CA ARG A 30 12.91 -32.05 23.48
C ARG A 30 14.33 -32.12 22.89
N GLU A 31 14.45 -32.41 21.59
CA GLU A 31 15.75 -32.50 20.97
C GLU A 31 16.48 -31.14 21.03
N ALA A 32 17.78 -31.18 21.25
CA ALA A 32 18.66 -30.03 21.12
C ALA A 32 19.66 -30.35 20.02
N THR A 33 19.92 -29.36 19.19
CA THR A 33 20.84 -29.52 18.07
C THR A 33 22.29 -29.80 18.53
N THR A 34 22.93 -30.74 17.84
CA THR A 34 24.35 -31.02 18.00
C THR A 34 25.16 -30.18 17.03
N TYR A 35 26.13 -29.43 17.55
CA TYR A 35 27.07 -28.66 16.74
C TYR A 35 28.46 -29.24 16.91
N PRO A 36 29.29 -29.16 15.87
CA PRO A 36 29.06 -28.53 14.57
C PRO A 36 28.06 -29.31 13.72
N LEU A 37 27.26 -28.56 12.98
CA LEU A 37 26.20 -29.05 12.14
C LEU A 37 26.54 -28.69 10.72
N THR A 38 26.56 -29.68 9.86
CA THR A 38 26.81 -29.48 8.44
C THR A 38 25.57 -29.80 7.64
N VAL A 39 25.17 -28.87 6.76
CA VAL A 39 24.01 -29.08 5.91
C VAL A 39 24.35 -28.69 4.48
N ASP A 40 23.67 -29.32 3.52
CA ASP A 40 23.75 -28.97 2.11
C ASP A 40 22.61 -27.99 1.87
N ASN A 41 22.94 -26.76 1.53
CA ASN A 41 21.92 -25.74 1.34
C ASN A 41 22.06 -25.19 -0.07
N CYS A 42 21.13 -25.56 -0.94
CA CYS A 42 21.19 -25.24 -2.36
C CYS A 42 22.51 -25.63 -3.01
N GLY A 43 23.13 -26.72 -2.56
CA GLY A 43 24.38 -27.18 -3.18
C GLY A 43 25.65 -26.60 -2.56
N THR A 44 25.51 -25.71 -1.58
CA THR A 44 26.64 -25.23 -0.80
C THR A 44 26.69 -25.92 0.55
N THR A 45 27.86 -26.40 0.94
CA THR A 45 28.01 -26.99 2.27
C THR A 45 28.10 -25.88 3.29
N ALA A 46 27.17 -25.86 4.23
CA ALA A 46 27.13 -24.85 5.26
C ALA A 46 27.36 -25.52 6.61
N THR A 47 28.43 -25.12 7.27
CA THR A 47 28.73 -25.61 8.59
C THR A 47 28.56 -24.57 9.67
N PHE A 48 27.76 -24.91 10.67
CA PHE A 48 27.49 -24.06 11.82
C PHE A 48 28.22 -24.63 13.03
N ASP A 49 29.21 -23.87 13.50
CA ASP A 49 30.01 -24.24 14.67
C ASP A 49 29.22 -24.14 15.97
N SER A 50 28.12 -23.41 15.93
CA SER A 50 27.29 -23.14 17.11
C SER A 50 26.00 -22.51 16.61
N VAL A 51 25.03 -22.38 17.50
CA VAL A 51 23.77 -21.79 17.10
C VAL A 51 24.00 -20.32 16.62
N PRO A 52 23.34 -19.90 15.53
CA PRO A 52 23.45 -18.49 15.14
C PRO A 52 22.97 -17.53 16.23
N GLU A 53 23.69 -16.44 16.42
CA GLU A 53 23.34 -15.43 17.43
C GLU A 53 23.04 -14.08 16.81
N ARG A 54 23.70 -13.76 15.69
CA ARG A 54 23.61 -12.46 15.04
C ARG A 54 23.37 -12.67 13.56
N VAL A 55 22.13 -12.48 13.16
CA VAL A 55 21.63 -12.81 11.84
C VAL A 55 21.05 -11.57 11.14
N VAL A 56 21.43 -11.39 9.88
CA VAL A 56 20.79 -10.43 9.00
C VAL A 56 19.79 -11.21 8.12
N THR A 57 18.51 -10.87 8.19
CA THR A 57 17.47 -11.56 7.41
C THR A 57 17.06 -10.66 6.24
N LEU A 58 17.07 -11.24 5.06
CA LEU A 58 16.69 -10.56 3.82
C LEU A 58 15.41 -11.18 3.28
N LYS A 59 14.43 -10.31 2.99
CA LYS A 59 13.03 -10.67 2.65
C LYS A 59 12.21 -10.93 3.92
N SER A 60 10.89 -10.77 3.78
CA SER A 60 9.98 -11.05 4.87
C SER A 60 9.93 -12.54 5.26
N SER A 61 10.06 -13.43 4.29
CA SER A 61 9.95 -14.86 4.55
C SER A 61 10.94 -15.33 5.62
N THR A 62 12.20 -14.90 5.52
CA THR A 62 13.23 -15.30 6.46
C THR A 62 13.03 -14.60 7.80
N THR A 63 12.75 -13.30 7.75
CA THR A 63 12.53 -12.50 8.93
C THR A 63 11.38 -13.06 9.75
N GLU A 64 10.25 -13.30 9.09
CA GLU A 64 9.09 -13.84 9.78
C GLU A 64 9.26 -15.29 10.24
N LEU A 65 10.02 -16.11 9.52
CA LEU A 65 10.28 -17.48 9.97
C LEU A 65 11.05 -17.44 11.30
N LEU A 66 12.08 -16.61 11.39
CA LEU A 66 12.82 -16.48 12.65
C LEU A 66 11.93 -15.91 13.77
N LEU A 67 11.09 -14.92 13.46
CA LEU A 67 10.14 -14.45 14.47
C LEU A 67 9.27 -15.60 14.97
N ALA A 68 8.73 -16.37 14.02
CA ALA A 68 7.81 -17.49 14.32
C ALA A 68 8.45 -18.60 15.13
N LEU A 69 9.75 -18.82 14.93
CA LEU A 69 10.51 -19.82 15.69
C LEU A 69 10.98 -19.35 17.08
N GLY A 70 10.64 -18.12 17.45
CA GLY A 70 11.06 -17.54 18.72
C GLY A 70 12.53 -17.15 18.73
N ARG A 71 13.05 -16.82 17.56
CA ARG A 71 14.45 -16.43 17.40
C ARG A 71 14.60 -15.00 16.92
N GLY A 72 13.59 -14.18 17.16
CA GLY A 72 13.68 -12.78 16.80
C GLY A 72 14.85 -12.05 17.43
N ASP A 73 15.25 -12.48 18.62
CA ASP A 73 16.37 -11.85 19.33
C ASP A 73 17.72 -12.09 18.62
N ARG A 74 17.74 -12.99 17.63
CA ARG A 74 18.96 -13.22 16.86
C ARG A 74 19.07 -12.25 15.67
N ILE A 75 18.00 -11.52 15.38
CA ILE A 75 17.97 -10.64 14.21
C ILE A 75 18.65 -9.32 14.54
N VAL A 76 19.83 -9.09 13.95
CA VAL A 76 20.57 -7.84 14.14
C VAL A 76 20.34 -6.79 13.05
N ALA A 77 19.79 -7.22 11.92
CA ALA A 77 19.40 -6.34 10.83
C ALA A 77 18.46 -7.07 9.89
N THR A 78 17.66 -6.30 9.17
CA THR A 78 16.79 -6.83 8.14
C THR A 78 16.95 -5.96 6.91
N SER A 79 16.50 -6.48 5.78
CA SER A 79 16.43 -5.69 4.56
C SER A 79 15.44 -6.32 3.60
N TYR A 80 14.98 -5.52 2.65
CA TYR A 80 14.09 -6.01 1.60
C TYR A 80 12.83 -6.66 2.15
N LEU A 81 12.22 -6.03 3.16
CA LEU A 81 10.95 -6.51 3.70
C LEU A 81 9.83 -6.29 2.68
N ASP A 82 8.83 -7.17 2.71
CA ASP A 82 7.77 -7.24 1.70
C ASP A 82 6.44 -6.70 2.20
N GLY A 83 6.42 -6.20 3.41
CA GLY A 83 5.18 -5.65 3.95
C GLY A 83 5.12 -5.90 5.43
N PRO A 84 4.00 -5.51 6.05
CA PRO A 84 3.86 -5.75 7.47
C PRO A 84 3.89 -7.23 7.80
N VAL A 85 4.40 -7.58 8.96
CA VAL A 85 4.38 -8.97 9.40
C VAL A 85 2.96 -9.51 9.58
N ALA A 86 2.82 -10.83 9.56
CA ALA A 86 1.52 -11.46 9.84
C ALA A 86 1.03 -10.95 11.17
N PRO A 87 -0.29 -10.76 11.32
CA PRO A 87 -0.79 -10.20 12.59
C PRO A 87 -0.31 -10.97 13.82
N TRP A 88 -0.23 -12.30 13.72
CA TRP A 88 0.22 -13.14 14.84
C TRP A 88 1.71 -13.08 15.12
N LEU A 89 2.46 -12.35 14.30
CA LEU A 89 3.88 -12.08 14.56
C LEU A 89 4.15 -10.64 14.97
N GLU A 90 3.09 -9.85 15.20
CA GLU A 90 3.26 -8.47 15.61
C GLU A 90 3.94 -8.35 16.97
N ASP A 91 3.59 -9.22 17.91
CA ASP A 91 4.20 -9.10 19.23
C ASP A 91 5.67 -9.56 19.19
N GLU A 92 6.03 -10.52 18.34
CA GLU A 92 7.44 -10.84 18.17
C GLU A 92 8.21 -9.69 17.49
N ALA A 93 7.61 -9.11 16.46
CA ALA A 93 8.27 -8.04 15.69
C ALA A 93 8.56 -6.84 16.59
N ALA A 94 7.64 -6.56 17.51
CA ALA A 94 7.76 -5.42 18.43
C ALA A 94 9.01 -5.50 19.31
N GLN A 95 9.52 -6.71 19.52
CA GLN A 95 10.76 -6.92 20.31
C GLN A 95 12.06 -6.86 19.50
N VAL A 96 11.94 -6.59 18.20
CA VAL A 96 13.08 -6.63 17.30
C VAL A 96 13.26 -5.29 16.61
N PRO A 97 14.16 -4.44 17.14
CA PRO A 97 14.38 -3.13 16.53
C PRO A 97 14.66 -3.17 15.03
N ALA A 98 15.41 -4.18 14.56
CA ALA A 98 15.75 -4.31 13.14
C ALA A 98 14.55 -4.38 12.18
N VAL A 99 13.41 -4.87 12.66
CA VAL A 99 12.23 -4.95 11.84
C VAL A 99 11.69 -3.53 11.58
N SER A 100 11.91 -2.64 12.54
CA SER A 100 11.43 -1.26 12.41
C SER A 100 12.35 -0.40 11.58
N ALA A 101 13.61 -0.82 11.44
CA ALA A 101 14.62 -0.05 10.74
C ALA A 101 15.41 -0.93 9.77
N PRO A 102 14.75 -1.39 8.71
CA PRO A 102 15.50 -2.17 7.73
C PRO A 102 16.64 -1.38 7.10
N LEU A 103 17.71 -2.08 6.76
CA LEU A 103 18.89 -1.47 6.17
C LEU A 103 18.56 -0.77 4.84
N ASP A 104 17.67 -1.36 4.04
CA ASP A 104 17.30 -0.81 2.73
C ASP A 104 15.95 -1.40 2.28
N GLU A 105 15.27 -0.71 1.37
N GLU A 105 15.28 -0.68 1.37
CA GLU A 105 14.06 -1.27 0.79
CA GLU A 105 14.06 -1.20 0.73
C GLU A 105 14.37 -2.46 -0.12
C GLU A 105 14.35 -2.43 -0.14
N ARG A 106 15.58 -2.52 -0.66
CA ARG A 106 15.98 -3.67 -1.45
C ARG A 106 17.24 -4.22 -0.84
N LEU A 107 18.25 -4.55 -1.64
CA LEU A 107 19.51 -5.06 -1.09
C LEU A 107 20.37 -3.91 -0.58
N PRO A 108 20.85 -4.03 0.65
CA PRO A 108 21.78 -3.06 1.20
C PRO A 108 23.20 -3.33 0.70
N SER A 109 24.11 -2.38 0.94
CA SER A 109 25.51 -2.62 0.68
C SER A 109 26.01 -3.68 1.64
N LEU A 110 27.01 -4.44 1.19
CA LEU A 110 27.64 -5.41 2.06
C LEU A 110 28.26 -4.77 3.32
N GLU A 111 28.91 -3.61 3.15
CA GLU A 111 29.43 -2.86 4.31
C GLU A 111 28.38 -2.63 5.41
N LYS A 112 27.16 -2.22 5.04
CA LYS A 112 26.08 -2.01 6.03
C LYS A 112 25.69 -3.33 6.71
N VAL A 113 25.65 -4.42 5.94
CA VAL A 113 25.34 -5.74 6.49
C VAL A 113 26.41 -6.14 7.52
N LEU A 114 27.66 -5.92 7.18
CA LEU A 114 28.76 -6.36 8.03
C LEU A 114 28.95 -5.52 9.27
N GLU A 115 28.43 -4.29 9.25
CA GLU A 115 28.55 -3.38 10.42
C GLU A 115 27.98 -3.94 11.70
N THR A 116 26.97 -4.81 11.58
CA THR A 116 26.30 -5.43 12.72
C THR A 116 27.01 -6.70 13.25
N GLU A 117 28.15 -7.05 12.67
CA GLU A 117 28.92 -8.25 13.08
C GLU A 117 28.06 -9.51 13.06
N PRO A 118 27.42 -9.79 11.91
CA PRO A 118 26.61 -10.99 11.82
C PRO A 118 27.46 -12.25 11.72
N ASP A 119 26.95 -13.35 12.26
CA ASP A 119 27.55 -14.67 11.98
C ASP A 119 26.81 -15.39 10.85
N LEU A 120 25.64 -14.88 10.48
CA LEU A 120 24.80 -15.46 9.45
C LEU A 120 24.03 -14.40 8.65
N ILE A 121 24.04 -14.55 7.32
CA ILE A 121 23.11 -13.89 6.42
C ILE A 121 22.10 -14.93 5.92
N PHE A 122 20.82 -14.69 6.22
CA PHE A 122 19.71 -15.59 5.91
C PHE A 122 18.90 -14.90 4.81
N ALA A 123 19.10 -15.37 3.58
CA ALA A 123 18.58 -14.74 2.38
C ALA A 123 17.33 -15.43 1.84
N GLY A 124 16.29 -14.64 1.60
CA GLY A 124 15.04 -15.18 1.02
C GLY A 124 15.14 -15.58 -0.44
N TRP A 125 16.07 -14.94 -1.17
CA TRP A 125 16.31 -15.24 -2.58
C TRP A 125 17.78 -15.64 -2.74
N GLU A 126 18.01 -16.69 -3.51
CA GLU A 126 19.37 -17.23 -3.69
C GLU A 126 20.33 -16.22 -4.30
N SER A 127 19.82 -15.42 -5.24
CA SER A 127 20.63 -14.40 -5.92
C SER A 127 21.34 -13.42 -4.96
N MSE A 128 20.75 -13.18 -3.78
CA MSE A 128 21.31 -12.24 -2.80
C MSE A 128 22.67 -12.64 -2.28
O MSE A 128 23.42 -11.76 -1.84
CB MSE A 128 20.35 -12.10 -1.62
CG MSE A 128 19.06 -11.47 -2.14
SE MSE A 128 17.72 -11.50 -0.72
CE MSE A 128 16.44 -10.27 -1.53
N VAL A 129 22.99 -13.93 -2.33
CA VAL A 129 24.30 -14.43 -1.89
C VAL A 129 25.05 -15.03 -3.05
N THR A 130 25.01 -14.32 -4.17
CA THR A 130 25.84 -14.60 -5.33
C THR A 130 26.65 -13.36 -5.59
N THR A 131 27.57 -13.47 -6.52
CA THR A 131 28.35 -12.29 -6.92
C THR A 131 27.48 -11.14 -7.40
N GLU A 132 26.35 -11.45 -8.01
CA GLU A 132 25.38 -10.45 -8.49
C GLU A 132 24.55 -9.81 -7.35
N GLY A 133 24.69 -10.33 -6.14
CA GLY A 133 24.01 -9.82 -4.92
C GLY A 133 24.99 -9.19 -3.96
N LEU A 134 25.01 -9.64 -2.71
CA LEU A 134 25.92 -9.09 -1.70
C LEU A 134 27.36 -9.49 -1.96
N ALA A 135 27.54 -10.77 -2.27
CA ALA A 135 28.84 -11.41 -2.48
C ALA A 135 28.55 -12.91 -2.60
N ASP A 136 29.53 -13.62 -3.14
CA ASP A 136 29.42 -15.07 -3.25
C ASP A 136 29.58 -15.70 -1.87
N ARG A 137 29.03 -16.89 -1.73
CA ARG A 137 28.99 -17.59 -0.43
C ARG A 137 30.36 -18.01 0.07
N ASP A 138 31.24 -18.42 -0.83
CA ASP A 138 32.58 -18.84 -0.41
C ASP A 138 33.39 -17.64 0.14
N ARG A 139 33.22 -16.49 -0.50
CA ARG A 139 33.89 -15.26 -0.05
C ARG A 139 33.36 -14.85 1.33
N LEU A 140 32.03 -14.90 1.52
CA LEU A 140 31.43 -14.62 2.83
C LEU A 140 31.93 -15.60 3.91
N THR A 141 32.02 -16.88 3.58
CA THR A 141 32.59 -17.87 4.50
C THR A 141 34.02 -17.55 4.94
N GLN A 142 34.84 -17.12 3.98
CA GLN A 142 36.21 -16.69 4.25
C GLN A 142 36.27 -15.53 5.23
N LEU A 143 35.30 -14.64 5.13
CA LEU A 143 35.18 -13.49 6.01
C LEU A 143 34.56 -13.84 7.38
N GLY A 144 34.19 -15.09 7.58
CA GLY A 144 33.65 -15.56 8.86
C GLY A 144 32.14 -15.50 8.95
N VAL A 145 31.46 -15.32 7.82
CA VAL A 145 30.01 -15.17 7.82
C VAL A 145 29.32 -16.36 7.13
N ASN A 146 28.51 -17.10 7.89
CA ASN A 146 27.67 -18.14 7.31
C ASN A 146 26.63 -17.53 6.38
N THR A 147 26.17 -18.35 5.43
CA THR A 147 25.03 -17.99 4.58
C THR A 147 24.01 -19.11 4.60
N LEU A 148 22.74 -18.73 4.59
CA LEU A 148 21.66 -19.70 4.45
C LEU A 148 20.63 -19.09 3.50
N VAL A 149 20.34 -19.82 2.43
CA VAL A 149 19.24 -19.50 1.52
C VAL A 149 18.02 -20.30 1.94
N ALA A 150 16.88 -19.64 2.00
CA ALA A 150 15.62 -20.33 2.28
C ALA A 150 15.53 -21.52 1.35
N PRO A 151 15.44 -22.74 1.91
CA PRO A 151 15.46 -23.94 1.05
C PRO A 151 14.41 -23.93 -0.05
N SER A 152 13.26 -23.31 0.22
CA SER A 152 12.22 -23.21 -0.77
C SER A 152 12.58 -22.30 -1.96
N ALA A 153 13.64 -21.52 -1.82
CA ALA A 153 14.07 -20.52 -2.82
C ALA A 153 15.31 -20.95 -3.65
N CYS A 154 15.81 -22.16 -3.46
CA CYS A 154 16.91 -22.63 -4.30
C CYS A 154 16.41 -22.65 -5.76
N LYS A 155 17.26 -22.25 -6.69
CA LYS A 155 16.84 -22.15 -8.08
C LYS A 155 17.43 -23.19 -9.03
N GLU A 156 18.54 -23.81 -8.67
CA GLU A 156 19.19 -24.74 -9.61
C GLU A 156 18.58 -26.14 -9.63
N ASP A 157 18.74 -26.81 -10.77
CA ASP A 157 18.32 -28.20 -10.94
C ASP A 157 18.83 -29.05 -9.79
N GLY A 158 17.97 -29.87 -9.24
CA GLY A 158 18.33 -30.72 -8.12
C GLY A 158 17.90 -30.11 -6.81
N TYR A 159 17.92 -28.77 -6.71
CA TYR A 159 17.62 -28.11 -5.42
C TYR A 159 16.32 -27.33 -5.40
N ARG A 160 15.82 -26.99 -6.57
CA ARG A 160 14.56 -26.25 -6.69
C ARG A 160 13.43 -27.20 -6.33
N PRO A 161 12.45 -26.74 -5.54
CA PRO A 161 11.30 -27.63 -5.31
C PRO A 161 10.71 -28.12 -6.64
N ASP A 162 10.41 -29.41 -6.73
CA ASP A 162 10.03 -30.00 -8.00
C ASP A 162 9.02 -31.12 -7.80
N PRO A 163 7.75 -30.76 -7.59
CA PRO A 163 7.15 -29.44 -7.48
C PRO A 163 7.18 -28.93 -6.04
N LEU A 164 6.97 -27.63 -5.89
CA LEU A 164 6.69 -27.07 -4.59
C LEU A 164 5.45 -27.75 -4.01
N THR A 165 5.54 -28.21 -2.77
CA THR A 165 4.42 -28.80 -2.04
C THR A 165 4.39 -28.20 -0.65
N TRP A 166 3.32 -28.46 0.09
CA TRP A 166 3.28 -28.08 1.51
C TRP A 166 4.38 -28.75 2.31
N GLU A 167 4.74 -29.98 1.94
N GLU A 167 4.71 -29.98 1.93
CA GLU A 167 5.84 -30.66 2.60
CA GLU A 167 5.82 -30.74 2.49
C GLU A 167 7.17 -29.95 2.35
C GLU A 167 7.14 -29.98 2.32
N SER A 168 7.36 -29.37 1.15
CA SER A 168 8.56 -28.56 0.88
C SER A 168 8.70 -27.48 1.95
N LEU A 169 7.57 -26.84 2.25
CA LEU A 169 7.56 -25.74 3.20
C LEU A 169 7.74 -26.25 4.63
N ALA A 170 7.12 -27.40 4.97
CA ALA A 170 7.36 -28.03 6.28
C ALA A 170 8.83 -28.37 6.47
N GLN A 171 9.45 -28.95 5.43
CA GLN A 171 10.86 -29.31 5.48
C GLN A 171 11.75 -28.10 5.64
N GLU A 172 11.41 -26.99 4.99
CA GLU A 172 12.13 -25.76 5.18
C GLU A 172 12.08 -25.32 6.64
N ILE A 173 10.90 -25.34 7.25
CA ILE A 173 10.75 -24.94 8.64
C ILE A 173 11.61 -25.83 9.56
N THR A 174 11.59 -27.13 9.29
CA THR A 174 12.31 -28.09 10.10
C THR A 174 13.83 -27.89 10.01
N THR A 175 14.32 -27.69 8.79
CA THR A 175 15.76 -27.43 8.56
C THR A 175 16.23 -26.17 9.28
N VAL A 176 15.47 -25.08 9.15
CA VAL A 176 15.83 -23.82 9.81
C VAL A 176 15.73 -23.99 11.33
N GLY A 177 14.72 -24.72 11.79
CA GLY A 177 14.59 -25.03 13.21
C GLY A 177 15.82 -25.76 13.75
N THR A 178 16.35 -26.70 12.98
CA THR A 178 17.52 -27.45 13.42
C THR A 178 18.75 -26.53 13.56
N ILE A 179 18.99 -25.73 12.54
CA ILE A 179 20.07 -24.78 12.55
C ILE A 179 20.00 -23.83 13.75
N PHE A 180 18.78 -23.38 14.08
CA PHE A 180 18.55 -22.46 15.20
C PHE A 180 18.25 -23.11 16.55
N ASP A 181 18.52 -24.42 16.68
CA ASP A 181 18.24 -25.15 17.90
C ASP A 181 16.83 -24.86 18.43
N ALA A 182 15.88 -24.94 17.52
CA ALA A 182 14.50 -24.63 17.81
C ALA A 182 13.62 -25.78 17.29
N HIS A 183 13.94 -26.99 17.73
CA HIS A 183 13.21 -28.14 17.22
C HIS A 183 11.72 -28.17 17.62
N SER A 184 11.40 -27.91 18.89
CA SER A 184 9.99 -27.95 19.30
C SER A 184 9.19 -26.83 18.60
N GLU A 185 9.83 -25.67 18.47
CA GLU A 185 9.23 -24.50 17.86
C GLU A 185 8.91 -24.76 16.39
N ALA A 186 9.83 -25.43 15.69
CA ALA A 186 9.60 -25.81 14.30
C ALA A 186 8.46 -26.82 14.16
N GLN A 187 8.42 -27.80 15.05
CA GLN A 187 7.36 -28.82 15.03
C GLN A 187 6.01 -28.17 15.28
N SER A 188 5.97 -27.26 16.27
CA SER A 188 4.77 -26.43 16.51
C SER A 188 4.34 -25.66 15.27
N LEU A 189 5.29 -24.96 14.64
CA LEU A 189 4.95 -24.14 13.48
C LEU A 189 4.40 -24.99 12.33
N VAL A 190 5.04 -26.15 12.06
CA VAL A 190 4.53 -27.08 11.05
C VAL A 190 3.11 -27.56 11.40
N ASP A 191 2.89 -27.95 12.65
CA ASP A 191 1.57 -28.36 13.10
C ASP A 191 0.53 -27.25 12.89
N THR A 192 0.91 -25.99 13.11
CA THR A 192 -0.06 -24.88 12.91
C THR A 192 -0.40 -24.69 11.43
N MSE A 193 0.60 -24.85 10.56
CA MSE A 193 0.42 -24.78 9.09
C MSE A 193 -0.48 -25.90 8.63
O MSE A 193 -1.39 -25.67 7.85
CB MSE A 193 1.77 -24.80 8.39
CG MSE A 193 1.66 -24.42 6.93
SE MSE A 193 3.35 -24.70 5.97
CE MSE A 193 3.45 -26.65 6.04
N ASN A 194 -0.24 -27.10 9.12
CA ASN A 194 -1.08 -28.23 8.74
C ASN A 194 -2.52 -28.10 9.22
N GLU A 195 -2.72 -27.46 10.38
CA GLU A 195 -4.08 -27.21 10.87
C GLU A 195 -4.81 -26.25 9.94
N GLN A 196 -4.12 -25.22 9.50
CA GLN A 196 -4.68 -24.23 8.55
C GLN A 196 -5.09 -24.92 7.24
N LEU A 197 -4.20 -25.76 6.73
CA LEU A 197 -4.45 -26.49 5.50
C LEU A 197 -5.61 -27.48 5.65
N ALA A 198 -5.72 -28.10 6.82
CA ALA A 198 -6.82 -29.01 7.13
C ALA A 198 -8.19 -28.34 7.07
N ALA A 199 -8.23 -27.03 7.27
CA ALA A 199 -9.46 -26.26 7.17
C ALA A 199 -9.97 -26.12 5.71
N ILE A 200 -9.11 -26.39 4.74
CA ILE A 200 -9.48 -26.23 3.33
C ILE A 200 -10.02 -27.53 2.75
N SER A 201 -11.22 -27.46 2.18
CA SER A 201 -11.75 -28.55 1.37
C SER A 201 -11.69 -28.05 -0.08
N PRO A 202 -11.01 -28.81 -0.96
CA PRO A 202 -10.89 -28.38 -2.35
C PRO A 202 -12.27 -28.24 -3.00
N ASP A 203 -12.47 -27.12 -3.67
CA ASP A 203 -13.71 -26.85 -4.38
C ASP A 203 -13.86 -27.89 -5.47
N SER A 204 -15.06 -28.44 -5.62
CA SER A 204 -15.29 -29.51 -6.57
C SER A 204 -16.07 -29.06 -7.80
N ARG A 205 -16.30 -27.75 -7.95
CA ARG A 205 -17.09 -27.24 -9.08
C ARG A 205 -16.37 -27.24 -10.45
N GLY A 206 -15.09 -27.60 -10.49
CA GLY A 206 -14.34 -27.67 -11.76
C GLY A 206 -14.00 -26.29 -12.33
N LEU A 207 -13.90 -25.31 -11.46
CA LEU A 207 -13.64 -23.93 -11.90
C LEU A 207 -12.20 -23.71 -12.30
N SER A 208 -12.00 -22.79 -13.23
CA SER A 208 -10.67 -22.33 -13.60
C SER A 208 -10.42 -20.93 -13.05
N ALA A 209 -9.15 -20.55 -13.02
CA ALA A 209 -8.78 -19.25 -12.45
C ALA A 209 -7.59 -18.64 -13.15
N LEU A 210 -7.63 -17.32 -13.25
CA LEU A 210 -6.50 -16.48 -13.61
C LEU A 210 -5.90 -15.93 -12.33
N TRP A 211 -4.60 -16.09 -12.14
CA TRP A 211 -3.92 -15.50 -10.98
C TRP A 211 -3.19 -14.25 -11.47
N PHE A 212 -3.76 -13.08 -11.21
CA PHE A 212 -3.37 -11.81 -11.87
C PHE A 212 -2.55 -10.97 -10.89
N SER A 213 -1.24 -10.83 -11.16
CA SER A 213 -0.32 -10.12 -10.27
C SER A 213 -0.22 -8.63 -10.55
N SER A 214 0.06 -8.29 -11.80
CA SER A 214 0.22 -6.89 -12.20
C SER A 214 0.19 -6.80 -13.72
N GLY A 215 0.18 -5.57 -14.25
CA GLY A 215 0.26 -5.32 -15.68
C GLY A 215 -1.08 -4.95 -16.26
N SER A 216 -1.12 -3.94 -17.13
CA SER A 216 -2.34 -3.58 -17.84
C SER A 216 -2.22 -3.90 -19.32
N ASP A 217 -1.10 -3.53 -19.95
CA ASP A 217 -0.86 -3.86 -21.36
C ASP A 217 -0.71 -5.37 -21.56
N THR A 218 0.18 -5.95 -20.76
CA THR A 218 0.44 -7.37 -20.78
C THR A 218 0.38 -7.90 -19.35
N PRO A 219 -0.73 -8.55 -18.97
CA PRO A 219 -0.82 -9.10 -17.62
C PRO A 219 0.33 -10.01 -17.27
N PHE A 220 0.81 -9.89 -16.03
CA PHE A 220 1.77 -10.86 -15.47
C PHE A 220 0.98 -11.77 -14.55
N VAL A 221 1.07 -13.08 -14.80
CA VAL A 221 0.18 -14.03 -14.15
C VAL A 221 0.94 -15.14 -13.45
N GLY A 222 0.25 -15.80 -12.53
CA GLY A 222 0.82 -16.89 -11.77
C GLY A 222 1.03 -18.06 -12.69
N GLY A 223 2.27 -18.56 -12.69
CA GLY A 223 2.61 -19.65 -13.56
C GLY A 223 2.40 -21.01 -12.90
N GLY A 224 2.99 -22.04 -13.48
CA GLY A 224 2.80 -23.40 -13.00
C GLY A 224 3.77 -23.98 -11.98
N SER A 225 4.73 -23.19 -11.53
N SER A 225 4.74 -23.19 -11.53
CA SER A 225 5.82 -23.72 -10.67
CA SER A 225 5.81 -23.72 -10.66
C SER A 225 6.06 -22.93 -9.38
C SER A 225 6.08 -22.91 -9.40
N GLY A 226 5.13 -22.08 -8.98
CA GLY A 226 5.31 -21.32 -7.74
C GLY A 226 4.18 -21.49 -6.74
N SER A 227 4.10 -20.52 -5.84
CA SER A 227 3.09 -20.48 -4.80
C SER A 227 1.68 -20.38 -5.38
N ALA A 228 1.54 -19.68 -6.52
CA ALA A 228 0.22 -19.54 -7.14
C ALA A 228 -0.39 -20.90 -7.51
N GLN A 229 0.39 -21.75 -8.16
CA GLN A 229 -0.06 -23.08 -8.53
C GLN A 229 -0.35 -23.92 -7.28
N LEU A 230 0.53 -23.83 -6.29
CA LEU A 230 0.34 -24.59 -5.04
C LEU A 230 -0.98 -24.24 -4.39
N VAL A 231 -1.23 -22.95 -4.28
CA VAL A 231 -2.45 -22.45 -3.66
C VAL A 231 -3.69 -22.83 -4.48
N MSE A 232 -3.64 -22.65 -5.80
CA MSE A 232 -4.80 -22.99 -6.66
C MSE A 232 -5.09 -24.49 -6.58
O MSE A 232 -6.25 -24.88 -6.40
CB MSE A 232 -4.64 -22.45 -8.10
CG MSE A 232 -4.81 -20.93 -8.11
SE MSE A 232 -4.68 -20.24 -9.95
CE MSE A 232 -2.74 -20.05 -9.94
N ASP A 233 -4.06 -25.33 -6.66
CA ASP A 233 -4.24 -26.79 -6.48
C ASP A 233 -4.93 -27.11 -5.16
N THR A 234 -4.53 -26.42 -4.10
CA THR A 234 -5.04 -26.66 -2.75
C THR A 234 -6.52 -26.27 -2.59
N VAL A 235 -6.89 -25.11 -3.12
CA VAL A 235 -8.27 -24.63 -2.98
C VAL A 235 -9.22 -25.20 -4.03
N GLY A 236 -8.68 -25.83 -5.08
CA GLY A 236 -9.50 -26.49 -6.11
C GLY A 236 -9.85 -25.64 -7.33
N LEU A 237 -8.89 -24.86 -7.80
CA LEU A 237 -9.01 -24.12 -9.03
C LEU A 237 -7.96 -24.57 -10.04
N ARG A 238 -8.38 -24.72 -11.29
CA ARG A 238 -7.48 -25.00 -12.39
C ARG A 238 -6.83 -23.69 -12.84
N ASN A 239 -5.51 -23.66 -12.84
CA ASN A 239 -4.75 -22.49 -13.24
C ASN A 239 -4.62 -22.38 -14.75
N ILE A 240 -5.19 -21.33 -15.33
CA ILE A 240 -5.07 -21.16 -16.79
C ILE A 240 -3.60 -20.89 -17.18
N GLY A 241 -2.78 -20.48 -16.20
CA GLY A 241 -1.35 -20.27 -16.41
C GLY A 241 -0.46 -21.47 -16.09
N SER A 242 -1.06 -22.66 -15.95
CA SER A 242 -0.31 -23.82 -15.48
C SER A 242 0.79 -24.31 -16.43
N ASP A 243 0.67 -23.99 -17.73
CA ASP A 243 1.73 -24.36 -18.69
C ASP A 243 2.93 -23.43 -18.70
N ILE A 244 2.88 -22.35 -17.90
CA ILE A 244 4.03 -21.48 -17.76
C ILE A 244 5.05 -22.13 -16.83
N ASP A 245 6.25 -22.40 -17.31
CA ASP A 245 7.24 -23.15 -16.52
C ASP A 245 8.13 -22.22 -15.74
N ASP A 246 7.50 -21.53 -14.80
CA ASP A 246 8.15 -20.59 -13.94
C ASP A 246 7.07 -20.20 -12.95
N THR A 247 7.44 -19.39 -11.96
CA THR A 247 6.50 -18.93 -10.94
C THR A 247 5.51 -17.90 -11.47
N TRP A 248 5.89 -17.19 -12.52
CA TRP A 248 5.09 -16.13 -13.10
C TRP A 248 5.45 -16.07 -14.59
N GLY A 249 4.59 -15.44 -15.38
CA GLY A 249 4.89 -15.20 -16.79
C GLY A 249 3.86 -14.25 -17.42
N PRO A 250 4.22 -13.63 -18.56
CA PRO A 250 3.24 -12.79 -19.24
C PRO A 250 2.19 -13.67 -19.93
N MSE A 251 0.96 -13.18 -20.01
CA MSE A 251 -0.07 -13.84 -20.76
C MSE A 251 -0.86 -12.74 -21.43
O MSE A 251 -1.30 -11.83 -20.77
CB MSE A 251 -0.87 -14.66 -19.76
CG MSE A 251 -1.80 -15.60 -20.45
SE MSE A 251 -2.59 -16.88 -19.17
CE MSE A 251 -3.66 -17.73 -20.59
N SER A 252 -1.06 -12.84 -22.74
CA SER A 252 -1.70 -11.80 -23.51
C SER A 252 -3.17 -11.73 -23.15
N TRP A 253 -3.79 -10.57 -23.38
CA TRP A 253 -5.23 -10.44 -23.17
C TRP A 253 -6.00 -11.43 -24.04
N GLU A 254 -5.54 -11.60 -25.27
CA GLU A 254 -6.14 -12.55 -26.20
C GLU A 254 -6.13 -13.98 -25.61
N ALA A 255 -5.02 -14.39 -25.03
CA ALA A 255 -4.92 -15.72 -24.42
C ALA A 255 -5.79 -15.85 -23.18
N ILE A 256 -5.89 -14.78 -22.39
CA ILE A 256 -6.72 -14.80 -21.18
C ILE A 256 -8.20 -14.91 -21.59
N ILE A 257 -8.57 -14.12 -22.57
CA ILE A 257 -9.96 -14.11 -23.04
C ILE A 257 -10.32 -15.49 -23.58
N ASP A 258 -9.44 -16.08 -24.40
CA ASP A 258 -9.69 -17.42 -24.94
C ASP A 258 -9.79 -18.50 -23.83
N ALA A 259 -8.96 -18.37 -22.78
CA ALA A 259 -8.99 -19.27 -21.63
C ALA A 259 -10.28 -19.16 -20.81
N ASN A 260 -10.90 -17.99 -20.83
CA ASN A 260 -12.15 -17.77 -20.11
C ASN A 260 -12.14 -18.24 -18.64
N PRO A 261 -11.26 -17.64 -17.83
CA PRO A 261 -11.15 -18.07 -16.42
C PRO A 261 -12.45 -17.84 -15.69
N ASP A 262 -12.89 -18.84 -14.93
CA ASP A 262 -14.17 -18.70 -14.20
C ASP A 262 -14.08 -17.70 -13.07
N VAL A 263 -12.93 -17.70 -12.40
CA VAL A 263 -12.61 -16.85 -11.25
C VAL A 263 -11.27 -16.12 -11.48
N ILE A 264 -11.13 -14.92 -10.93
CA ILE A 264 -9.89 -14.17 -11.03
C ILE A 264 -9.32 -13.84 -9.65
N VAL A 265 -8.10 -14.35 -9.38
CA VAL A 265 -7.40 -14.05 -8.14
C VAL A 265 -6.57 -12.81 -8.40
N LEU A 266 -6.74 -11.81 -7.53
CA LEU A 266 -5.96 -10.59 -7.58
C LEU A 266 -4.95 -10.50 -6.45
N VAL A 267 -3.68 -10.31 -6.81
CA VAL A 267 -2.65 -10.05 -5.81
C VAL A 267 -2.68 -8.56 -5.46
N ASP A 268 -2.90 -8.24 -4.19
CA ASP A 268 -2.98 -6.88 -3.71
C ASP A 268 -1.60 -6.46 -3.19
N SER A 269 -0.83 -5.78 -4.03
CA SER A 269 0.50 -5.32 -3.63
C SER A 269 0.55 -3.81 -3.58
N SER A 270 1.61 -3.29 -2.96
CA SER A 270 1.80 -1.84 -2.86
C SER A 270 1.90 -1.17 -4.22
N TRP A 271 2.48 -1.86 -5.21
CA TRP A 271 2.66 -1.28 -6.56
C TRP A 271 1.49 -1.53 -7.53
N SER A 272 0.63 -2.49 -7.20
CA SER A 272 -0.54 -2.82 -8.01
C SER A 272 -1.64 -3.37 -7.10
N SER A 273 -2.58 -2.51 -6.73
CA SER A 273 -3.64 -2.90 -5.79
C SER A 273 -4.63 -3.84 -6.47
N ALA A 274 -5.41 -4.56 -5.66
CA ALA A 274 -6.52 -5.30 -6.20
C ALA A 274 -7.48 -4.38 -6.99
N GLN A 275 -7.77 -3.21 -6.44
CA GLN A 275 -8.73 -2.33 -7.08
C GLN A 275 -8.22 -1.88 -8.47
N LYS A 276 -6.92 -1.62 -8.58
CA LYS A 276 -6.34 -1.20 -9.85
C LYS A 276 -6.59 -2.24 -10.92
N LYS A 277 -6.40 -3.51 -10.57
CA LYS A 277 -6.63 -4.60 -11.50
C LYS A 277 -8.10 -4.82 -11.85
N LYS A 278 -9.00 -4.62 -10.89
CA LYS A 278 -10.44 -4.64 -11.20
C LYS A 278 -10.75 -3.57 -12.25
N ASP A 279 -10.19 -2.38 -12.07
CA ASP A 279 -10.42 -1.25 -12.99
C ASP A 279 -9.81 -1.50 -14.37
N ILE A 280 -8.63 -2.13 -14.40
CA ILE A 280 -8.06 -2.58 -15.66
C ILE A 280 -9.00 -3.53 -16.41
N LEU A 281 -9.52 -4.52 -15.70
CA LEU A 281 -10.41 -5.51 -16.29
C LEU A 281 -11.70 -4.87 -16.79
N THR A 282 -12.30 -4.01 -15.97
CA THR A 282 -13.52 -3.28 -16.29
C THR A 282 -13.36 -2.37 -17.50
N SER A 283 -12.17 -1.80 -17.66
CA SER A 283 -11.90 -0.84 -18.73
C SER A 283 -11.51 -1.47 -20.06
N HIS A 284 -11.02 -2.71 -20.01
CA HIS A 284 -10.61 -3.41 -21.22
C HIS A 284 -11.81 -3.70 -22.12
N PRO A 285 -11.72 -3.33 -23.41
CA PRO A 285 -12.94 -3.34 -24.20
C PRO A 285 -13.51 -4.73 -24.47
N VAL A 286 -12.67 -5.76 -24.40
CA VAL A 286 -13.10 -7.15 -24.60
C VAL A 286 -13.11 -7.95 -23.28
N ALA A 287 -12.06 -7.88 -22.47
CA ALA A 287 -12.03 -8.64 -21.20
C ALA A 287 -13.14 -8.24 -20.24
N SER A 288 -13.62 -7.00 -20.33
CA SER A 288 -14.75 -6.54 -19.57
C SER A 288 -16.03 -7.31 -19.89
N THR A 289 -16.04 -8.07 -20.99
CA THR A 289 -17.19 -8.91 -21.37
C THR A 289 -17.09 -10.36 -20.87
N LEU A 290 -15.99 -10.71 -20.21
CA LEU A 290 -15.86 -12.02 -19.61
C LEU A 290 -16.82 -12.21 -18.43
N ASP A 291 -17.35 -13.43 -18.29
CA ASP A 291 -18.27 -13.75 -17.20
C ASP A 291 -17.64 -13.42 -15.84
N ALA A 292 -16.35 -13.71 -15.67
CA ALA A 292 -15.68 -13.47 -14.38
C ALA A 292 -15.67 -12.00 -13.99
N VAL A 293 -15.52 -11.14 -15.00
CA VAL A 293 -15.43 -9.72 -14.79
C VAL A 293 -16.83 -9.13 -14.61
N VAL A 294 -17.74 -9.47 -15.51
CA VAL A 294 -19.12 -9.00 -15.42
C VAL A 294 -19.75 -9.34 -14.06
N ASN A 295 -19.41 -10.51 -13.52
CA ASN A 295 -19.99 -10.99 -12.28
C ASN A 295 -19.12 -10.80 -11.03
N ASP A 296 -18.04 -10.02 -11.16
CA ASP A 296 -17.18 -9.67 -10.03
C ASP A 296 -16.68 -10.93 -9.30
N ARG A 297 -16.22 -11.92 -10.04
CA ARG A 297 -15.81 -13.21 -9.45
C ARG A 297 -14.32 -13.16 -9.10
N TYR A 298 -14.04 -12.33 -8.09
CA TYR A 298 -12.70 -11.99 -7.67
C TYR A 298 -12.39 -12.56 -6.29
N LEU A 299 -11.15 -12.98 -6.14
CA LEU A 299 -10.58 -13.41 -4.88
C LEU A 299 -9.33 -12.56 -4.71
N VAL A 300 -9.04 -12.14 -3.49
CA VAL A 300 -7.91 -11.24 -3.25
C VAL A 300 -6.96 -11.85 -2.25
N ILE A 301 -5.67 -11.83 -2.59
CA ILE A 301 -4.61 -12.28 -1.70
C ILE A 301 -3.55 -11.17 -1.57
N ASP A 302 -3.01 -10.98 -0.36
CA ASP A 302 -1.94 -10.01 -0.12
C ASP A 302 -0.63 -10.50 -0.71
N PHE A 303 0.31 -9.60 -0.89
CA PHE A 303 1.58 -9.95 -1.50
C PHE A 303 2.46 -10.89 -0.67
N PRO A 304 2.67 -10.59 0.64
CA PRO A 304 3.67 -11.43 1.36
C PRO A 304 3.45 -12.97 1.30
N PRO A 305 2.22 -13.46 1.42
CA PRO A 305 2.03 -14.92 1.30
C PRO A 305 2.31 -15.53 -0.09
N THR A 306 2.48 -14.70 -1.13
CA THR A 306 2.84 -15.20 -2.46
C THR A 306 4.32 -15.60 -2.56
N GLU A 307 5.14 -15.18 -1.59
CA GLU A 307 6.49 -15.71 -1.45
C GLU A 307 6.36 -17.01 -0.63
N PRO A 308 6.88 -18.13 -1.16
CA PRO A 308 6.62 -19.37 -0.42
C PRO A 308 7.12 -19.38 1.02
N GLY A 309 6.24 -19.74 1.94
CA GLY A 309 6.58 -19.88 3.34
C GLY A 309 5.33 -20.16 4.15
N VAL A 310 5.46 -20.10 5.47
CA VAL A 310 4.34 -20.45 6.34
C VAL A 310 3.11 -19.53 6.08
N ARG A 311 3.36 -18.27 5.74
CA ARG A 311 2.23 -17.33 5.42
C ARG A 311 1.40 -17.76 4.20
N THR A 312 2.02 -18.50 3.27
CA THR A 312 1.32 -19.00 2.08
C THR A 312 0.09 -19.83 2.46
N ALA A 313 0.19 -20.64 3.53
CA ALA A 313 -0.96 -21.41 3.99
C ALA A 313 -2.10 -20.51 4.52
N ASP A 314 -1.73 -19.45 5.23
CA ASP A 314 -2.73 -18.43 5.66
C ASP A 314 -3.43 -17.83 4.44
N GLY A 315 -2.64 -17.51 3.40
CA GLY A 315 -3.18 -17.01 2.12
C GLY A 315 -4.16 -17.99 1.48
N ALA A 316 -3.79 -19.27 1.49
CA ALA A 316 -4.66 -20.30 0.96
C ALA A 316 -6.01 -20.38 1.69
N VAL A 317 -5.97 -20.28 3.02
CA VAL A 317 -7.21 -20.29 3.84
C VAL A 317 -8.09 -19.11 3.45
N ALA A 318 -7.45 -17.96 3.32
CA ALA A 318 -8.17 -16.73 3.00
C ALA A 318 -8.82 -16.88 1.62
N LEU A 319 -8.10 -17.44 0.65
CA LEU A 319 -8.67 -17.61 -0.69
C LEU A 319 -9.78 -18.67 -0.71
N ALA A 320 -9.58 -19.76 0.04
CA ALA A 320 -10.61 -20.78 0.15
C ALA A 320 -11.91 -20.24 0.73
N ASP A 321 -11.81 -19.41 1.78
CA ASP A 321 -13.02 -18.79 2.41
C ASP A 321 -13.75 -17.89 1.40
N GLN A 322 -12.98 -17.08 0.67
CA GLN A 322 -13.59 -16.22 -0.36
C GLN A 322 -14.23 -17.02 -1.50
N LEU A 323 -13.61 -18.11 -1.89
CA LEU A 323 -14.13 -18.95 -2.97
C LEU A 323 -15.43 -19.62 -2.53
N ALA A 324 -15.48 -20.08 -1.28
CA ALA A 324 -16.69 -20.63 -0.68
C ALA A 324 -17.85 -19.62 -0.71
N ALA A 325 -17.54 -18.35 -0.51
CA ALA A 325 -18.54 -17.29 -0.46
C ALA A 325 -19.01 -16.86 -1.85
N LEU A 326 -18.31 -17.34 -2.89
CA LEU A 326 -18.59 -16.98 -4.26
C LEU A 326 -19.56 -17.99 -4.87
N THR A 327 -20.62 -17.48 -5.48
CA THR A 327 -21.54 -18.30 -6.28
C THR A 327 -21.21 -18.09 -7.76
N VAL A 328 -21.20 -19.18 -8.54
CA VAL A 328 -20.89 -19.12 -9.97
C VAL A 328 -21.74 -20.11 -10.77
N GLU B 31 0.69 0.43 22.29
CA GLU B 31 1.93 0.26 21.49
C GLU B 31 2.71 1.56 21.47
N ALA B 32 4.02 1.46 21.54
CA ALA B 32 4.91 2.58 21.34
C ALA B 32 5.84 2.26 20.18
N THR B 33 6.17 3.28 19.41
CA THR B 33 7.09 3.16 18.32
C THR B 33 8.52 2.91 18.81
N THR B 34 9.23 2.00 18.14
CA THR B 34 10.65 1.82 18.33
C THR B 34 11.41 2.69 17.35
N TYR B 35 12.34 3.46 17.88
CA TYR B 35 13.26 4.23 17.05
C TYR B 35 14.67 3.64 17.19
N PRO B 36 15.48 3.66 16.13
CA PRO B 36 15.17 4.29 14.86
C PRO B 36 14.07 3.56 14.09
N LEU B 37 13.29 4.34 13.34
CA LEU B 37 12.23 3.83 12.48
C LEU B 37 12.56 4.24 11.06
N THR B 38 12.51 3.29 10.13
CA THR B 38 12.76 3.58 8.74
C THR B 38 11.55 3.21 7.90
N VAL B 39 11.09 4.15 7.07
CA VAL B 39 10.00 3.88 6.14
C VAL B 39 10.34 4.31 4.73
N ASP B 40 9.80 3.59 3.76
CA ASP B 40 9.90 3.92 2.34
C ASP B 40 8.77 4.91 2.08
N ASN B 41 9.14 6.16 1.84
CA ASN B 41 8.20 7.21 1.62
C ASN B 41 8.39 7.76 0.20
N CYS B 42 7.52 7.33 -0.71
CA CYS B 42 7.50 7.75 -2.11
C CYS B 42 8.81 7.41 -2.79
N GLY B 43 9.44 6.31 -2.38
CA GLY B 43 10.67 5.89 -3.01
C GLY B 43 11.94 6.47 -2.42
N THR B 44 11.81 7.25 -1.35
CA THR B 44 12.97 7.73 -0.59
C THR B 44 12.84 7.21 0.83
N THR B 45 13.95 6.70 1.36
CA THR B 45 13.99 6.22 2.74
C THR B 45 13.98 7.40 3.70
N ALA B 46 13.09 7.37 4.67
CA ALA B 46 13.04 8.35 5.75
C ALA B 46 13.32 7.59 7.04
N THR B 47 14.40 7.98 7.72
CA THR B 47 14.81 7.41 8.99
C THR B 47 14.66 8.42 10.12
N PHE B 48 13.84 8.06 11.09
CA PHE B 48 13.60 8.87 12.27
C PHE B 48 14.34 8.24 13.43
N ASP B 49 15.32 8.97 13.97
N ASP B 49 15.32 8.96 13.99
CA ASP B 49 16.09 8.56 15.15
CA ASP B 49 16.05 8.45 15.13
C ASP B 49 15.29 8.69 16.43
C ASP B 49 15.32 8.72 16.45
N SER B 50 14.23 9.48 16.38
CA SER B 50 13.38 9.72 17.56
C SER B 50 12.10 10.38 17.06
N VAL B 51 11.10 10.51 17.93
CA VAL B 51 9.86 11.15 17.52
C VAL B 51 10.12 12.59 17.05
N PRO B 52 9.50 13.00 15.94
CA PRO B 52 9.70 14.43 15.55
C PRO B 52 9.22 15.40 16.63
N GLU B 53 9.99 16.47 16.86
CA GLU B 53 9.63 17.48 17.87
C GLU B 53 9.38 18.87 17.27
N ARG B 54 10.01 19.17 16.14
CA ARG B 54 9.92 20.49 15.51
C ARG B 54 9.64 20.27 14.03
N VAL B 55 8.39 20.49 13.65
CA VAL B 55 7.90 20.13 12.34
C VAL B 55 7.39 21.38 11.64
N VAL B 56 7.78 21.53 10.38
CA VAL B 56 7.14 22.46 9.48
C VAL B 56 6.16 21.70 8.60
N THR B 57 4.87 22.04 8.72
CA THR B 57 3.84 21.39 7.92
C THR B 57 3.47 22.30 6.74
N LEU B 58 3.45 21.71 5.55
CA LEU B 58 3.08 22.38 4.31
C LEU B 58 1.79 21.76 3.76
N LYS B 59 0.83 22.63 3.44
CA LYS B 59 -0.56 22.27 3.09
C LYS B 59 -1.39 21.95 4.32
N SER B 60 -2.70 22.08 4.14
CA SER B 60 -3.65 21.80 5.22
C SER B 60 -3.67 20.32 5.60
N SER B 61 -3.46 19.44 4.61
CA SER B 61 -3.61 17.99 4.85
C SER B 61 -2.67 17.50 5.97
N THR B 62 -1.42 17.94 5.90
CA THR B 62 -0.38 17.56 6.86
C THR B 62 -0.58 18.24 8.22
N THR B 63 -0.85 19.55 8.18
CA THR B 63 -1.11 20.35 9.34
C THR B 63 -2.27 19.77 10.13
N GLU B 64 -3.40 19.54 9.48
CA GLU B 64 -4.59 19.03 10.15
C GLU B 64 -4.42 17.58 10.60
N LEU B 65 -3.69 16.77 9.85
CA LEU B 65 -3.39 15.43 10.34
C LEU B 65 -2.62 15.47 11.67
N LEU B 66 -1.59 16.31 11.78
CA LEU B 66 -0.88 16.43 13.04
C LEU B 66 -1.76 16.97 14.14
N LEU B 67 -2.59 17.98 13.84
CA LEU B 67 -3.56 18.44 14.83
C LEU B 67 -4.45 17.28 15.32
N ALA B 68 -4.95 16.49 14.37
CA ALA B 68 -5.90 15.42 14.64
C ALA B 68 -5.28 14.31 15.48
N LEU B 69 -3.98 14.08 15.29
CA LEU B 69 -3.24 13.08 16.08
C LEU B 69 -2.77 13.58 17.44
N GLY B 70 -3.12 14.81 17.82
CA GLY B 70 -2.69 15.35 19.07
C GLY B 70 -1.22 15.73 19.11
N ARG B 71 -0.67 16.02 17.94
CA ARG B 71 0.73 16.39 17.79
C ARG B 71 0.91 17.85 17.34
N GLY B 72 -0.09 18.69 17.59
CA GLY B 72 0.01 20.08 17.23
C GLY B 72 1.16 20.80 17.93
N ASP B 73 1.51 20.32 19.12
CA ASP B 73 2.64 20.87 19.87
C ASP B 73 3.99 20.61 19.19
N ARG B 74 4.01 19.80 18.14
CA ARG B 74 5.25 19.56 17.37
C ARG B 74 5.40 20.53 16.20
N ILE B 75 4.37 21.31 15.92
CA ILE B 75 4.39 22.20 14.75
C ILE B 75 5.06 23.53 15.11
N VAL B 76 6.18 23.81 14.46
CA VAL B 76 6.87 25.08 14.67
C VAL B 76 6.61 26.13 13.58
N ALA B 77 6.14 25.67 12.42
CA ALA B 77 5.71 26.56 11.36
C ALA B 77 4.79 25.81 10.42
N THR B 78 3.99 26.59 9.71
CA THR B 78 3.14 26.06 8.66
C THR B 78 3.30 26.96 7.44
N SER B 79 2.85 26.47 6.31
CA SER B 79 2.77 27.26 5.08
C SER B 79 1.83 26.61 4.06
N TYR B 80 1.37 27.40 3.10
CA TYR B 80 0.53 26.95 2.00
C TYR B 80 -0.73 26.25 2.52
N LEU B 81 -1.38 26.86 3.50
CA LEU B 81 -2.63 26.35 4.01
C LEU B 81 -3.74 26.57 2.99
N ASP B 82 -4.72 25.68 3.02
CA ASP B 82 -5.75 25.60 1.99
C ASP B 82 -7.09 26.16 2.41
N GLY B 83 -7.18 26.64 3.65
CA GLY B 83 -8.43 27.19 4.17
C GLY B 83 -8.51 26.94 5.65
N PRO B 84 -9.62 27.38 6.27
CA PRO B 84 -9.81 27.11 7.69
C PRO B 84 -9.76 25.62 8.00
N VAL B 85 -9.32 25.29 9.20
CA VAL B 85 -9.31 23.89 9.63
C VAL B 85 -10.74 23.35 9.78
N ALA B 86 -10.86 22.03 9.79
CA ALA B 86 -12.13 21.37 10.09
C ALA B 86 -12.63 21.88 11.44
N PRO B 87 -13.94 22.03 11.60
CA PRO B 87 -14.45 22.64 12.84
C PRO B 87 -13.99 21.90 14.10
N TRP B 88 -13.88 20.58 14.02
CA TRP B 88 -13.49 19.76 15.16
C TRP B 88 -11.99 19.84 15.46
N LEU B 89 -11.23 20.51 14.62
CA LEU B 89 -9.83 20.79 14.88
C LEU B 89 -9.56 22.25 15.28
N GLU B 90 -10.60 23.05 15.42
CA GLU B 90 -10.41 24.43 15.84
C GLU B 90 -9.75 24.54 17.22
N ASP B 91 -10.15 23.69 18.18
CA ASP B 91 -9.57 23.80 19.50
C ASP B 91 -8.10 23.35 19.53
N GLU B 92 -7.72 22.40 18.68
CA GLU B 92 -6.31 22.05 18.53
C GLU B 92 -5.52 23.17 17.88
N ALA B 93 -6.08 23.75 16.82
CA ALA B 93 -5.44 24.85 16.11
C ALA B 93 -5.19 26.07 17.00
N ALA B 94 -6.11 26.31 17.94
CA ALA B 94 -6.00 27.48 18.82
C ALA B 94 -4.78 27.40 19.73
N GLN B 95 -4.25 26.19 19.93
CA GLN B 95 -3.05 25.96 20.74
C GLN B 95 -1.75 26.02 19.94
N VAL B 96 -1.85 26.27 18.64
CA VAL B 96 -0.69 26.22 17.76
C VAL B 96 -0.59 27.54 16.99
N PRO B 97 0.21 28.50 17.51
CA PRO B 97 0.31 29.81 16.87
C PRO B 97 0.71 29.74 15.39
N ALA B 98 1.56 28.79 15.01
CA ALA B 98 1.96 28.64 13.62
C ALA B 98 0.81 28.40 12.61
N VAL B 99 -0.30 27.83 13.08
CA VAL B 99 -1.44 27.60 12.22
C VAL B 99 -2.11 28.93 11.85
N SER B 100 -2.20 29.85 12.81
CA SER B 100 -2.75 31.19 12.58
C SER B 100 -1.79 32.16 11.92
N ALA B 101 -0.50 31.84 11.96
CA ALA B 101 0.54 32.70 11.38
C ALA B 101 1.47 31.87 10.50
N PRO B 102 0.96 31.37 9.37
CA PRO B 102 1.83 30.63 8.43
C PRO B 102 2.94 31.47 7.86
N LEU B 103 4.03 30.82 7.46
CA LEU B 103 5.17 31.54 6.88
C LEU B 103 4.82 32.26 5.59
N ASP B 104 3.91 31.69 4.80
CA ASP B 104 3.57 32.24 3.48
C ASP B 104 2.24 31.67 3.03
N GLU B 105 1.56 32.38 2.13
N GLU B 105 1.56 32.34 2.12
CA GLU B 105 0.34 31.88 1.50
CA GLU B 105 0.32 31.81 1.58
C GLU B 105 0.63 30.65 0.65
C GLU B 105 0.59 30.70 0.56
N ARG B 106 1.84 30.61 0.06
CA ARG B 106 2.25 29.49 -0.78
C ARG B 106 3.55 28.92 -0.18
N LEU B 107 4.52 28.55 -1.00
CA LEU B 107 5.77 27.97 -0.48
C LEU B 107 6.68 29.09 0.00
N PRO B 108 7.16 28.99 1.23
CA PRO B 108 8.08 29.95 1.76
C PRO B 108 9.51 29.71 1.26
N SER B 109 10.39 30.67 1.48
CA SER B 109 11.81 30.41 1.24
C SER B 109 12.33 29.31 2.18
N LEU B 110 13.32 28.55 1.72
CA LEU B 110 13.95 27.58 2.56
C LEU B 110 14.60 28.23 3.80
N GLU B 111 15.22 29.40 3.65
CA GLU B 111 15.80 30.11 4.79
C GLU B 111 14.76 30.28 5.90
N LYS B 112 13.56 30.68 5.54
CA LYS B 112 12.51 30.90 6.53
C LYS B 112 12.08 29.59 7.19
N VAL B 113 12.01 28.52 6.40
CA VAL B 113 11.73 27.19 6.96
C VAL B 113 12.81 26.78 7.96
N LEU B 114 14.07 26.93 7.55
CA LEU B 114 15.20 26.49 8.37
C LEU B 114 15.43 27.35 9.62
N GLU B 115 14.93 28.59 9.62
CA GLU B 115 15.02 29.50 10.77
C GLU B 115 14.44 28.90 12.05
N THR B 116 13.44 28.01 11.90
CA THR B 116 12.75 27.39 13.03
C THR B 116 13.47 26.14 13.57
N GLU B 117 14.64 25.78 13.01
CA GLU B 117 15.40 24.57 13.40
C GLU B 117 14.52 23.35 13.42
N PRO B 118 13.82 23.08 12.29
CA PRO B 118 12.96 21.93 12.24
C PRO B 118 13.78 20.66 12.14
N ASP B 119 13.29 19.60 12.76
CA ASP B 119 13.82 18.24 12.48
C ASP B 119 13.06 17.54 11.36
N LEU B 120 11.94 18.11 10.91
CA LEU B 120 11.11 17.50 9.87
C LEU B 120 10.35 18.54 9.08
N ILE B 121 10.38 18.38 7.76
CA ILE B 121 9.47 19.08 6.87
C ILE B 121 8.46 18.04 6.38
N PHE B 122 7.19 18.28 6.72
CA PHE B 122 6.09 17.38 6.36
C PHE B 122 5.27 18.04 5.24
N ALA B 123 5.48 17.54 4.02
CA ALA B 123 4.96 18.16 2.80
C ALA B 123 3.69 17.51 2.23
N GLY B 124 2.66 18.31 1.99
CA GLY B 124 1.41 17.83 1.40
C GLY B 124 1.53 17.43 -0.08
N TRP B 125 2.46 18.06 -0.77
CA TRP B 125 2.76 17.76 -2.18
C TRP B 125 4.22 17.32 -2.32
N GLU B 126 4.43 16.26 -3.06
CA GLU B 126 5.77 15.74 -3.25
C GLU B 126 6.72 16.79 -3.85
N SER B 127 6.21 17.61 -4.78
CA SER B 127 7.03 18.63 -5.44
C SER B 127 7.77 19.57 -4.48
N MSE B 128 7.19 19.78 -3.32
CA MSE B 128 7.75 20.72 -2.34
C MSE B 128 9.08 20.32 -1.79
O MSE B 128 9.84 21.16 -1.30
CB MSE B 128 6.79 20.86 -1.18
CG MSE B 128 5.50 21.49 -1.69
SE MSE B 128 4.17 21.51 -0.25
CE MSE B 128 3.01 22.93 -0.94
N VAL B 129 9.39 19.01 -1.84
CA VAL B 129 10.68 18.50 -1.38
C VAL B 129 11.44 17.89 -2.56
N THR B 130 11.36 18.61 -3.67
CA THR B 130 12.22 18.38 -4.82
C THR B 130 13.01 19.66 -5.06
N THR B 131 13.97 19.57 -5.98
CA THR B 131 14.75 20.71 -6.38
C THR B 131 13.87 21.87 -6.88
N GLU B 132 12.75 21.54 -7.51
CA GLU B 132 11.80 22.56 -7.99
C GLU B 132 10.98 23.17 -6.86
N GLY B 133 11.06 22.60 -5.66
CA GLY B 133 10.40 23.14 -4.44
C GLY B 133 11.39 23.81 -3.49
N LEU B 134 11.39 23.38 -2.23
CA LEU B 134 12.29 23.94 -1.23
C LEU B 134 13.72 23.52 -1.47
N ALA B 135 13.89 22.24 -1.76
CA ALA B 135 15.16 21.56 -1.92
C ALA B 135 14.90 20.08 -2.08
N ASP B 136 15.88 19.36 -2.61
CA ASP B 136 15.80 17.92 -2.68
C ASP B 136 15.98 17.25 -1.32
N ARG B 137 15.43 16.04 -1.18
CA ARG B 137 15.40 15.33 0.09
C ARG B 137 16.77 14.93 0.60
N ASP B 138 17.65 14.49 -0.31
CA ASP B 138 19.01 14.13 0.11
C ASP B 138 19.81 15.31 0.70
N ARG B 139 19.65 16.48 0.10
CA ARG B 139 20.29 17.71 0.56
C ARG B 139 19.74 18.13 1.92
N LEU B 140 18.42 18.04 2.10
CA LEU B 140 17.80 18.31 3.38
C LEU B 140 18.31 17.37 4.46
N THR B 141 18.43 16.10 4.14
CA THR B 141 18.95 15.12 5.07
C THR B 141 20.36 15.46 5.49
N GLN B 142 21.19 15.85 4.52
CA GLN B 142 22.56 16.26 4.83
C GLN B 142 22.57 17.44 5.82
N LEU B 143 21.64 18.37 5.66
CA LEU B 143 21.51 19.48 6.58
C LEU B 143 20.87 19.15 7.94
N GLY B 144 20.46 17.89 8.12
CA GLY B 144 19.89 17.41 9.37
C GLY B 144 18.38 17.45 9.47
N VAL B 145 17.70 17.56 8.33
CA VAL B 145 16.26 17.74 8.32
C VAL B 145 15.57 16.57 7.61
N ASN B 146 14.75 15.82 8.35
CA ASN B 146 13.93 14.79 7.74
C ASN B 146 12.93 15.45 6.81
N THR B 147 12.49 14.69 5.82
CA THR B 147 11.35 15.03 4.99
C THR B 147 10.35 13.90 4.99
N LEU B 148 9.07 14.26 4.97
CA LEU B 148 7.99 13.29 4.87
C LEU B 148 6.98 13.84 3.89
N VAL B 149 6.72 13.12 2.81
CA VAL B 149 5.65 13.46 1.90
C VAL B 149 4.40 12.76 2.37
N ALA B 150 3.28 13.46 2.44
CA ALA B 150 2.00 12.78 2.69
C ALA B 150 1.91 11.51 1.84
N PRO B 151 1.74 10.33 2.46
CA PRO B 151 1.76 9.09 1.69
C PRO B 151 0.71 9.01 0.55
N SER B 152 -0.43 9.64 0.74
CA SER B 152 -1.44 9.68 -0.30
C SER B 152 -1.11 10.65 -1.45
N ALA B 153 -0.05 11.44 -1.31
CA ALA B 153 0.32 12.41 -2.33
C ALA B 153 1.56 12.05 -3.16
N CYS B 154 2.10 10.85 -3.01
CA CYS B 154 3.22 10.43 -3.87
C CYS B 154 2.74 10.52 -5.33
N LYS B 155 3.61 10.95 -6.25
CA LYS B 155 3.23 11.09 -7.68
C LYS B 155 3.64 9.94 -8.59
N GLU B 156 4.73 9.26 -8.27
CA GLU B 156 5.30 8.32 -9.23
C GLU B 156 4.64 6.94 -9.21
N ASP B 157 4.70 6.25 -10.35
CA ASP B 157 4.11 4.93 -10.49
C ASP B 157 4.59 4.04 -9.35
N GLY B 158 3.68 3.25 -8.80
CA GLY B 158 4.01 2.32 -7.72
C GLY B 158 3.78 2.89 -6.32
N TYR B 159 3.85 4.21 -6.21
CA TYR B 159 3.68 4.90 -4.92
C TYR B 159 2.40 5.74 -4.87
N ARG B 160 2.04 6.30 -6.01
CA ARG B 160 0.79 7.04 -6.13
C ARG B 160 -0.36 6.10 -5.86
N PRO B 161 -1.32 6.51 -5.02
CA PRO B 161 -2.56 5.72 -4.88
C PRO B 161 -3.24 5.62 -6.24
N ASP B 162 -3.39 4.39 -6.72
CA ASP B 162 -3.95 4.17 -8.03
C ASP B 162 -4.88 2.97 -8.05
N PRO B 163 -6.19 3.20 -7.91
CA PRO B 163 -6.83 4.47 -7.61
C PRO B 163 -6.77 4.77 -6.12
N LEU B 164 -7.09 6.01 -5.74
CA LEU B 164 -7.29 6.36 -4.35
C LEU B 164 -8.46 5.56 -3.76
N THR B 165 -8.25 4.97 -2.58
CA THR B 165 -9.32 4.27 -1.85
C THR B 165 -9.38 4.78 -0.41
N TRP B 166 -10.44 4.44 0.30
CA TRP B 166 -10.51 4.75 1.72
C TRP B 166 -9.36 4.06 2.47
N GLU B 167 -9.01 2.84 2.07
N GLU B 167 -9.03 2.84 2.05
CA GLU B 167 -7.88 2.16 2.72
CA GLU B 167 -7.89 2.11 2.62
C GLU B 167 -6.55 2.90 2.52
C GLU B 167 -6.58 2.88 2.51
N SER B 168 -6.37 3.55 1.37
CA SER B 168 -5.18 4.44 1.14
C SER B 168 -5.04 5.46 2.24
N LEU B 169 -6.16 6.10 2.56
CA LEU B 169 -6.20 7.16 3.54
C LEU B 169 -6.02 6.63 4.96
N ALA B 170 -6.65 5.50 5.28
CA ALA B 170 -6.44 4.85 6.56
C ALA B 170 -4.95 4.46 6.74
N GLN B 171 -4.34 3.93 5.69
CA GLN B 171 -2.94 3.54 5.75
C GLN B 171 -2.04 4.75 5.98
N GLU B 172 -2.35 5.86 5.32
CA GLU B 172 -1.63 7.09 5.53
C GLU B 172 -1.67 7.52 6.99
N ILE B 173 -2.87 7.54 7.56
CA ILE B 173 -3.04 7.89 8.96
C ILE B 173 -2.20 6.97 9.84
N THR B 174 -2.24 5.68 9.57
CA THR B 174 -1.51 4.68 10.39
C THR B 174 0.00 4.92 10.33
N THR B 175 0.49 5.18 9.13
CA THR B 175 1.91 5.41 8.89
C THR B 175 2.39 6.65 9.61
N VAL B 176 1.64 7.74 9.46
CA VAL B 176 1.99 8.98 10.12
C VAL B 176 1.91 8.82 11.66
N GLY B 177 0.90 8.09 12.12
CA GLY B 177 0.81 7.75 13.54
C GLY B 177 2.04 7.04 14.08
N THR B 178 2.59 6.12 13.30
CA THR B 178 3.76 5.37 13.74
C THR B 178 4.96 6.30 13.88
N ILE B 179 5.16 7.15 12.88
CA ILE B 179 6.25 8.11 12.88
C ILE B 179 6.18 9.02 14.11
N PHE B 180 4.97 9.41 14.47
CA PHE B 180 4.73 10.36 15.57
C PHE B 180 4.43 9.68 16.91
N ASP B 181 4.71 8.39 17.01
CA ASP B 181 4.42 7.61 18.22
C ASP B 181 3.01 7.88 18.75
N ALA B 182 2.06 7.79 17.85
CA ALA B 182 0.68 8.13 18.15
C ALA B 182 -0.23 7.01 17.63
N HIS B 183 0.05 5.80 18.09
N HIS B 183 0.06 5.77 18.06
CA HIS B 183 -0.65 4.63 17.58
CA HIS B 183 -0.67 4.61 17.57
C HIS B 183 -2.14 4.62 17.94
C HIS B 183 -2.15 4.65 17.92
N SER B 184 -2.47 4.91 19.19
CA SER B 184 -3.89 4.90 19.60
C SER B 184 -4.63 6.06 18.96
N GLU B 185 -3.94 7.18 18.80
CA GLU B 185 -4.54 8.36 18.19
C GLU B 185 -4.88 8.09 16.73
N ALA B 186 -3.97 7.40 16.02
CA ALA B 186 -4.20 7.05 14.62
C ALA B 186 -5.32 6.04 14.48
N GLN B 187 -5.32 5.03 15.35
CA GLN B 187 -6.40 4.04 15.37
C GLN B 187 -7.78 4.69 15.59
N SER B 188 -7.85 5.63 16.52
CA SER B 188 -9.05 6.43 16.80
C SER B 188 -9.48 7.22 15.58
N LEU B 189 -8.52 7.88 14.94
CA LEU B 189 -8.83 8.72 13.80
C LEU B 189 -9.38 7.89 12.64
N VAL B 190 -8.77 6.75 12.35
CA VAL B 190 -9.29 5.81 11.36
C VAL B 190 -10.68 5.30 11.73
N ASP B 191 -10.90 4.97 13.00
CA ASP B 191 -12.24 4.57 13.47
C ASP B 191 -13.28 5.68 13.24
N THR B 192 -12.90 6.94 13.48
CA THR B 192 -13.83 8.04 13.27
C THR B 192 -14.14 8.21 11.76
N MSE B 193 -13.13 8.07 10.91
CA MSE B 193 -13.33 8.15 9.47
C MSE B 193 -14.24 7.04 9.00
O MSE B 193 -15.16 7.26 8.22
CB MSE B 193 -11.96 8.09 8.76
CG MSE B 193 -12.11 8.40 7.29
SE MSE B 193 -10.43 8.13 6.31
CE MSE B 193 -10.38 6.18 6.32
N ASN B 194 -14.03 5.83 9.50
CA ASN B 194 -14.87 4.70 9.12
C ASN B 194 -16.32 4.86 9.57
N GLU B 195 -16.53 5.54 10.71
CA GLU B 195 -17.89 5.79 11.20
C GLU B 195 -18.60 6.80 10.29
N GLN B 196 -17.90 7.86 9.91
CA GLN B 196 -18.44 8.83 8.94
C GLN B 196 -18.87 8.12 7.66
N LEU B 197 -17.98 7.28 7.13
CA LEU B 197 -18.28 6.58 5.89
C LEU B 197 -19.46 5.61 6.06
N ALA B 198 -19.47 4.86 7.16
CA ALA B 198 -20.52 3.88 7.44
C ALA B 198 -21.92 4.49 7.53
N ALA B 199 -22.01 5.67 8.11
CA ALA B 199 -23.30 6.31 8.34
C ALA B 199 -23.92 6.91 7.08
N ILE B 200 -23.16 7.01 5.99
CA ILE B 200 -23.71 7.50 4.71
C ILE B 200 -24.70 6.49 4.14
N SER B 201 -25.87 6.98 3.68
CA SER B 201 -26.84 6.15 2.96
C SER B 201 -26.56 6.39 1.47
N PRO B 202 -25.94 5.43 0.78
CA PRO B 202 -25.59 5.66 -0.64
C PRO B 202 -26.85 5.85 -1.50
N ASP B 203 -26.82 6.77 -2.46
CA ASP B 203 -28.01 7.04 -3.30
C ASP B 203 -28.29 5.95 -4.34
N SER B 204 -29.56 5.56 -4.46
CA SER B 204 -29.97 4.45 -5.34
C SER B 204 -30.59 4.88 -6.64
N ARG B 205 -30.67 6.17 -6.89
CA ARG B 205 -31.47 6.68 -8.00
C ARG B 205 -30.77 6.54 -9.36
N GLY B 206 -29.54 6.07 -9.36
CA GLY B 206 -28.80 5.88 -10.61
C GLY B 206 -28.34 7.17 -11.25
N LEU B 207 -28.12 8.21 -10.45
CA LEU B 207 -27.80 9.51 -10.99
C LEU B 207 -26.34 9.62 -11.41
N SER B 208 -26.10 10.46 -12.40
CA SER B 208 -24.75 10.77 -12.83
C SER B 208 -24.37 12.17 -12.36
N ALA B 209 -23.07 12.44 -12.35
CA ALA B 209 -22.57 13.73 -11.90
C ALA B 209 -21.34 14.21 -12.67
N LEU B 210 -21.31 15.52 -12.87
CA LEU B 210 -20.12 16.27 -13.24
C LEU B 210 -19.50 16.86 -11.96
N TRP B 211 -18.20 16.63 -11.77
CA TRP B 211 -17.43 17.18 -10.67
C TRP B 211 -16.57 18.31 -11.24
N PHE B 212 -17.05 19.54 -11.07
CA PHE B 212 -16.55 20.73 -11.76
C PHE B 212 -15.66 21.50 -10.80
N SER B 213 -14.35 21.46 -11.05
CA SER B 213 -13.34 22.07 -10.18
C SER B 213 -13.06 23.54 -10.56
N SER B 214 -12.73 23.76 -11.82
CA SER B 214 -12.30 25.06 -12.31
C SER B 214 -12.36 25.09 -13.82
N GLY B 215 -11.98 26.26 -14.37
CA GLY B 215 -11.93 26.46 -15.80
C GLY B 215 -13.23 27.06 -16.26
N SER B 216 -13.21 27.62 -17.46
CA SER B 216 -14.35 28.31 -18.00
C SER B 216 -14.50 27.91 -19.45
N ASP B 217 -13.49 28.22 -20.25
CA ASP B 217 -13.48 27.83 -21.66
C ASP B 217 -13.38 26.30 -21.77
N THR B 218 -12.50 25.69 -20.99
CA THR B 218 -12.41 24.24 -20.90
C THR B 218 -12.46 23.81 -19.42
N PRO B 219 -13.61 23.24 -19.00
CA PRO B 219 -13.74 22.78 -17.62
C PRO B 219 -12.68 21.75 -17.24
N PHE B 220 -12.13 21.90 -16.04
CA PHE B 220 -11.31 20.88 -15.43
C PHE B 220 -12.21 20.17 -14.45
N VAL B 221 -12.24 18.85 -14.56
CA VAL B 221 -13.25 18.02 -13.88
C VAL B 221 -12.60 16.89 -13.13
N GLY B 222 -13.34 16.32 -12.18
CA GLY B 222 -12.88 15.15 -11.43
C GLY B 222 -12.76 13.92 -12.32
N GLY B 223 -11.56 13.33 -12.30
CA GLY B 223 -11.26 12.14 -13.06
C GLY B 223 -11.61 10.86 -12.31
N GLY B 224 -11.02 9.75 -12.78
CA GLY B 224 -11.44 8.40 -12.38
C GLY B 224 -10.64 7.73 -11.29
N SER B 225 -9.58 8.38 -10.82
CA SER B 225 -8.64 7.72 -9.91
C SER B 225 -8.30 8.47 -8.62
N GLY B 226 -8.99 9.58 -8.35
CA GLY B 226 -8.69 10.40 -7.17
C GLY B 226 -9.84 10.56 -6.19
N SER B 227 -9.76 11.65 -5.42
CA SER B 227 -10.76 11.91 -4.37
C SER B 227 -12.16 12.11 -4.95
N ALA B 228 -12.23 12.68 -6.14
CA ALA B 228 -13.54 12.98 -6.75
C ALA B 228 -14.30 11.70 -7.06
N GLN B 229 -13.63 10.78 -7.75
CA GLN B 229 -14.20 9.47 -8.00
C GLN B 229 -14.56 8.73 -6.71
N LEU B 230 -13.65 8.75 -5.75
CA LEU B 230 -13.84 8.03 -4.49
C LEU B 230 -15.09 8.52 -3.78
N VAL B 231 -15.25 9.84 -3.70
CA VAL B 231 -16.39 10.43 -3.04
C VAL B 231 -17.68 10.13 -3.80
N MSE B 232 -17.66 10.31 -5.14
CA MSE B 232 -18.84 10.00 -5.95
C MSE B 232 -19.27 8.55 -5.80
O MSE B 232 -20.46 8.30 -5.60
CB MSE B 232 -18.63 10.38 -7.43
CG MSE B 232 -18.74 11.90 -7.54
SE MSE B 232 -18.60 12.55 -9.39
CE MSE B 232 -16.66 12.56 -9.48
N ASP B 233 -18.34 7.60 -5.87
CA ASP B 233 -18.68 6.17 -5.62
C ASP B 233 -19.33 6.00 -4.26
N THR B 234 -18.79 6.66 -3.26
CA THR B 234 -19.27 6.53 -1.89
C THR B 234 -20.70 7.06 -1.71
N VAL B 235 -21.01 8.20 -2.32
CA VAL B 235 -22.33 8.80 -2.12
C VAL B 235 -23.36 8.29 -3.09
N GLY B 236 -22.91 7.61 -4.16
CA GLY B 236 -23.80 6.93 -5.11
C GLY B 236 -24.09 7.72 -6.38
N LEU B 237 -23.09 8.44 -6.89
CA LEU B 237 -23.15 9.13 -8.18
C LEU B 237 -22.17 8.51 -9.17
N ARG B 238 -22.64 8.33 -10.40
CA ARG B 238 -21.81 7.92 -11.52
C ARG B 238 -21.04 9.13 -12.05
N ASN B 239 -19.72 9.01 -12.12
CA ASN B 239 -18.90 10.12 -12.58
C ASN B 239 -18.80 10.13 -14.11
N ILE B 240 -19.24 11.22 -14.73
CA ILE B 240 -19.13 11.34 -16.21
C ILE B 240 -17.66 11.46 -16.66
N GLY B 241 -16.78 11.79 -15.72
CA GLY B 241 -15.35 11.80 -15.98
C GLY B 241 -14.59 10.56 -15.54
N SER B 242 -15.28 9.45 -15.30
CA SER B 242 -14.64 8.25 -14.77
C SER B 242 -13.63 7.59 -15.72
N ASP B 243 -13.74 7.87 -17.01
CA ASP B 243 -12.79 7.32 -17.99
C ASP B 243 -11.47 8.09 -17.99
N ILE B 244 -11.41 9.22 -17.28
CA ILE B 244 -10.18 9.98 -17.19
C ILE B 244 -9.23 9.24 -16.25
N ASP B 245 -8.05 8.87 -16.76
CA ASP B 245 -7.06 8.06 -16.03
C ASP B 245 -6.09 8.94 -15.22
N ASP B 246 -6.67 9.80 -14.38
CA ASP B 246 -5.93 10.70 -13.52
C ASP B 246 -6.93 11.22 -12.51
N THR B 247 -6.48 12.03 -11.56
CA THR B 247 -7.38 12.52 -10.51
C THR B 247 -8.27 13.63 -11.09
N TRP B 248 -7.79 14.31 -12.12
CA TRP B 248 -8.51 15.35 -12.82
C TRP B 248 -8.19 15.31 -14.31
N GLY B 249 -8.97 16.06 -15.09
CA GLY B 249 -8.64 16.29 -16.51
C GLY B 249 -9.57 17.30 -17.16
N PRO B 250 -9.20 17.78 -18.36
CA PRO B 250 -10.07 18.69 -19.09
C PRO B 250 -11.23 17.93 -19.73
N MSE B 251 -12.39 18.55 -19.80
CA MSE B 251 -13.54 17.98 -20.49
C MSE B 251 -14.20 19.11 -21.23
O MSE B 251 -14.53 20.14 -20.61
CB MSE B 251 -14.44 17.32 -19.45
CG MSE B 251 -15.32 16.27 -20.10
SE MSE B 251 -16.32 15.20 -18.77
CE MSE B 251 -17.38 14.19 -20.08
N SER B 252 -14.39 18.96 -22.54
CA SER B 252 -14.99 20.04 -23.33
C SER B 252 -16.46 20.25 -22.98
N TRP B 253 -16.97 21.43 -23.27
CA TRP B 253 -18.40 21.67 -23.13
C TRP B 253 -19.23 20.71 -23.96
N GLU B 254 -18.78 20.40 -25.17
CA GLU B 254 -19.46 19.47 -26.06
C GLU B 254 -19.60 18.09 -25.39
N ALA B 255 -18.53 17.58 -24.80
CA ALA B 255 -18.56 16.29 -24.10
C ALA B 255 -19.44 16.30 -22.85
N ILE B 256 -19.41 17.39 -22.09
CA ILE B 256 -20.26 17.54 -20.90
C ILE B 256 -21.73 17.57 -21.29
N ILE B 257 -22.07 18.41 -22.25
CA ILE B 257 -23.44 18.51 -22.71
C ILE B 257 -23.94 17.15 -23.19
N ASP B 258 -23.11 16.45 -23.96
CA ASP B 258 -23.48 15.14 -24.46
C ASP B 258 -23.66 14.13 -23.33
N ALA B 259 -22.87 14.26 -22.27
CA ALA B 259 -22.97 13.33 -21.13
C ALA B 259 -24.21 13.60 -20.24
N ASN B 260 -24.72 14.82 -20.29
CA ASN B 260 -25.95 15.21 -19.61
C ASN B 260 -25.98 14.85 -18.10
N PRO B 261 -25.03 15.40 -17.33
CA PRO B 261 -24.97 15.03 -15.91
C PRO B 261 -26.25 15.41 -15.18
N ASP B 262 -26.73 14.48 -14.36
CA ASP B 262 -27.96 14.70 -13.60
C ASP B 262 -27.78 15.76 -12.55
N VAL B 263 -26.65 15.69 -11.86
CA VAL B 263 -26.22 16.67 -10.85
C VAL B 263 -24.81 17.19 -11.15
N ILE B 264 -24.50 18.36 -10.62
CA ILE B 264 -23.21 19.01 -10.79
C ILE B 264 -22.63 19.33 -9.43
N VAL B 265 -21.49 18.72 -9.12
CA VAL B 265 -20.74 19.06 -7.93
C VAL B 265 -19.81 20.23 -8.25
N LEU B 266 -19.87 21.28 -7.44
CA LEU B 266 -19.02 22.44 -7.58
C LEU B 266 -18.01 22.50 -6.45
N VAL B 267 -16.72 22.55 -6.80
CA VAL B 267 -15.69 22.76 -5.80
C VAL B 267 -15.55 24.26 -5.54
N ASP B 268 -15.72 24.68 -4.29
CA ASP B 268 -15.64 26.11 -3.91
C ASP B 268 -14.22 26.42 -3.45
N SER B 269 -13.43 26.99 -4.34
CA SER B 269 -12.05 27.37 -4.00
C SER B 269 -11.84 28.87 -4.14
N SER B 270 -10.72 29.34 -3.60
CA SER B 270 -10.41 30.78 -3.66
C SER B 270 -10.14 31.23 -5.08
N TRP B 271 -9.69 30.34 -5.97
CA TRP B 271 -9.41 30.73 -7.36
C TRP B 271 -10.59 30.48 -8.31
N SER B 272 -11.53 29.63 -7.90
CA SER B 272 -12.73 29.33 -8.68
C SER B 272 -13.86 29.04 -7.70
N SER B 273 -14.65 30.07 -7.39
CA SER B 273 -15.72 29.91 -6.45
C SER B 273 -16.85 29.09 -7.02
N ALA B 274 -17.70 28.57 -6.15
CA ALA B 274 -18.90 27.87 -6.59
C ALA B 274 -19.75 28.82 -7.43
N GLN B 275 -19.87 30.07 -6.98
CA GLN B 275 -20.69 31.05 -7.70
C GLN B 275 -20.17 31.34 -9.09
N LYS B 276 -18.84 31.41 -9.23
N LYS B 276 -18.85 31.41 -9.24
CA LYS B 276 -18.19 31.60 -10.52
CA LYS B 276 -18.25 31.61 -10.54
C LYS B 276 -18.64 30.52 -11.50
C LYS B 276 -18.69 30.52 -11.51
N LYS B 277 -18.65 29.27 -11.04
CA LYS B 277 -19.01 28.16 -11.89
C LYS B 277 -20.48 28.11 -12.22
N LYS B 278 -21.34 28.48 -11.27
CA LYS B 278 -22.77 28.65 -11.57
C LYS B 278 -22.99 29.69 -12.67
N ASP B 279 -22.25 30.79 -12.60
CA ASP B 279 -22.38 31.88 -13.56
C ASP B 279 -21.88 31.45 -14.92
N ILE B 280 -20.77 30.71 -14.95
CA ILE B 280 -20.29 30.12 -16.19
C ILE B 280 -21.37 29.22 -16.84
N LEU B 281 -21.99 28.37 -16.04
CA LEU B 281 -23.03 27.46 -16.53
C LEU B 281 -24.29 28.21 -17.06
N THR B 282 -24.74 29.21 -16.33
CA THR B 282 -25.96 29.93 -16.70
C THR B 282 -25.72 30.82 -17.92
N SER B 283 -24.49 31.26 -18.11
CA SER B 283 -24.11 32.12 -19.24
C SER B 283 -23.85 31.36 -20.51
N HIS B 284 -23.48 30.09 -20.38
CA HIS B 284 -23.15 29.30 -21.53
C HIS B 284 -24.43 29.07 -22.34
N PRO B 285 -24.42 29.40 -23.63
CA PRO B 285 -25.69 29.38 -24.38
C PRO B 285 -26.38 28.01 -24.47
N VAL B 286 -25.60 26.93 -24.40
CA VAL B 286 -26.15 25.59 -24.46
C VAL B 286 -26.15 24.86 -23.11
N ALA B 287 -25.05 24.92 -22.36
CA ALA B 287 -25.02 24.31 -21.01
C ALA B 287 -26.11 24.86 -20.10
N SER B 288 -26.49 26.12 -20.29
CA SER B 288 -27.58 26.73 -19.52
C SER B 288 -28.92 26.04 -19.73
N THR B 289 -29.04 25.24 -20.80
CA THR B 289 -30.26 24.50 -21.10
C THR B 289 -30.25 23.06 -20.54
N LEU B 290 -29.14 22.63 -19.93
CA LEU B 290 -29.11 21.29 -19.32
C LEU B 290 -30.06 21.23 -18.14
N ASP B 291 -30.74 20.10 -17.96
CA ASP B 291 -31.66 19.94 -16.84
C ASP B 291 -31.00 20.23 -15.48
N ALA B 292 -29.74 19.85 -15.32
CA ALA B 292 -29.06 20.04 -14.05
C ALA B 292 -28.88 21.52 -13.73
N VAL B 293 -28.67 22.32 -14.77
CA VAL B 293 -28.46 23.74 -14.60
C VAL B 293 -29.81 24.46 -14.43
N VAL B 294 -30.75 24.16 -15.32
CA VAL B 294 -32.10 24.72 -15.24
C VAL B 294 -32.71 24.54 -13.86
N ASN B 295 -32.51 23.37 -13.27
CA ASN B 295 -33.11 23.01 -12.00
C ASN B 295 -32.19 23.13 -10.78
N ASP B 296 -31.05 23.78 -10.98
CA ASP B 296 -30.10 24.09 -9.90
C ASP B 296 -29.75 22.84 -9.10
N ARG B 297 -29.45 21.77 -9.81
CA ARG B 297 -29.09 20.52 -9.16
C ARG B 297 -27.60 20.53 -8.83
N TYR B 298 -27.24 21.44 -7.92
CA TYR B 298 -25.86 21.66 -7.48
C TYR B 298 -25.61 21.07 -6.12
N LEU B 299 -24.45 20.43 -6.00
CA LEU B 299 -23.87 20.10 -4.69
C LEU B 299 -22.58 20.89 -4.59
N VAL B 300 -22.23 21.35 -3.39
CA VAL B 300 -21.01 22.13 -3.23
C VAL B 300 -20.11 21.51 -2.18
N ILE B 301 -18.82 21.43 -2.51
CA ILE B 301 -17.79 20.97 -1.58
C ILE B 301 -16.65 21.99 -1.49
N ASP B 302 -16.18 22.26 -0.26
CA ASP B 302 -15.05 23.16 -0.07
C ASP B 302 -13.77 22.51 -0.61
N PHE B 303 -12.75 23.32 -0.91
CA PHE B 303 -11.51 22.79 -1.49
C PHE B 303 -10.74 21.83 -0.58
N PRO B 304 -10.56 22.15 0.73
CA PRO B 304 -9.68 21.26 1.53
C PRO B 304 -9.99 19.76 1.53
N PRO B 305 -11.26 19.34 1.71
CA PRO B 305 -11.52 17.88 1.63
C PRO B 305 -11.25 17.22 0.27
N THR B 306 -11.07 18.02 -0.79
CA THR B 306 -10.76 17.45 -2.11
C THR B 306 -9.31 17.01 -2.20
N GLU B 307 -8.45 17.52 -1.31
CA GLU B 307 -7.11 16.99 -1.16
C GLU B 307 -7.23 15.71 -0.34
N PRO B 308 -6.63 14.60 -0.80
CA PRO B 308 -6.85 13.37 -0.07
C PRO B 308 -6.37 13.42 1.38
N GLY B 309 -7.24 13.00 2.29
CA GLY B 309 -6.96 13.00 3.72
C GLY B 309 -8.22 12.71 4.53
N VAL B 310 -8.11 12.83 5.84
CA VAL B 310 -9.23 12.48 6.69
C VAL B 310 -10.47 13.36 6.40
N ARG B 311 -10.25 14.62 6.04
CA ARG B 311 -11.38 15.51 5.73
C ARG B 311 -12.17 15.08 4.51
N THR B 312 -11.58 14.30 3.62
CA THR B 312 -12.28 13.81 2.44
C THR B 312 -13.56 13.03 2.82
N ALA B 313 -13.53 12.31 3.94
CA ALA B 313 -14.70 11.56 4.38
C ALA B 313 -15.78 12.51 4.89
N ASP B 314 -15.36 13.57 5.57
CA ASP B 314 -16.26 14.64 6.00
C ASP B 314 -16.92 15.28 4.74
N GLY B 315 -16.13 15.42 3.68
CA GLY B 315 -16.60 15.92 2.38
C GLY B 315 -17.68 15.02 1.80
N ALA B 316 -17.45 13.70 1.86
CA ALA B 316 -18.44 12.76 1.39
C ALA B 316 -19.75 12.83 2.17
N VAL B 317 -19.68 12.98 3.50
CA VAL B 317 -20.89 13.10 4.32
C VAL B 317 -21.66 14.36 3.92
N ALA B 318 -20.96 15.48 3.78
CA ALA B 318 -21.58 16.74 3.35
C ALA B 318 -22.29 16.59 2.00
N LEU B 319 -21.63 15.97 1.04
CA LEU B 319 -22.26 15.81 -0.27
C LEU B 319 -23.44 14.86 -0.20
N ALA B 320 -23.33 13.79 0.61
CA ALA B 320 -24.47 12.88 0.77
C ALA B 320 -25.68 13.59 1.35
N ASP B 321 -25.47 14.45 2.33
CA ASP B 321 -26.57 15.23 2.95
C ASP B 321 -27.19 16.15 1.91
N GLN B 322 -26.35 16.83 1.15
CA GLN B 322 -26.86 17.73 0.10
C GLN B 322 -27.63 16.96 -0.96
N LEU B 323 -27.11 15.79 -1.34
CA LEU B 323 -27.74 14.96 -2.36
C LEU B 323 -29.10 14.43 -1.92
N ALA B 324 -29.21 14.08 -0.63
CA ALA B 324 -30.48 13.61 -0.07
C ALA B 324 -31.55 14.68 -0.13
N ALA B 325 -31.14 15.94 -0.05
CA ALA B 325 -32.05 17.06 -0.06
C ALA B 325 -32.45 17.51 -1.47
N LEU B 326 -31.76 17.03 -2.51
CA LEU B 326 -32.15 17.33 -3.90
C LEU B 326 -33.24 16.42 -4.45
N THR B 327 -34.23 17.02 -5.11
CA THR B 327 -35.20 16.28 -5.92
C THR B 327 -34.72 16.27 -7.37
N VAL B 328 -34.86 15.13 -8.02
CA VAL B 328 -34.54 15.01 -9.45
C VAL B 328 -35.80 14.49 -10.15
N GLU B 329 -36.84 15.32 -10.12
CA GLU B 329 -38.13 15.04 -10.77
C GLU B 329 -38.00 15.22 -12.27
CA CA C . 29.44 -19.71 -5.63
CA CA D . 33.32 -17.88 -5.61
CA CA E . 20.28 -10.07 20.04
CA CA F . -8.82 -29.03 13.32
K K G . 27.31 -18.13 16.83
CA CA H . 19.73 15.15 -5.03
CA CA I . -11.25 19.23 22.91
CA CA J . -24.74 3.29 5.70
CA CA K . -22.59 4.31 13.70
CA CA L . 6.73 23.02 20.50
K K M . -8.64 1.41 13.41
K K N . -10.31 -0.28 15.70
#